data_6ZJH
#
_entry.id   6ZJH
#
_cell.length_a   60.433
_cell.length_b   68.387
_cell.length_c   110.753
_cell.angle_alpha   90.000
_cell.angle_beta   90.000
_cell.angle_gamma   90.000
#
_symmetry.space_group_name_H-M   'P 21 21 21'
#
loop_
_entity.id
_entity.type
_entity.pdbx_description
1 polymer 'Trehalose phosphorylase/synthase'
2 branched alpha-D-glucopyranose-(1-1)-alpha-D-glucopyranose
3 non-polymer GLYCEROL
4 water water
#
_entity_poly.entity_id   1
_entity_poly.type   'polypeptide(L)'
_entity_poly.pdbx_seq_one_letter_code
;MIERYVEFVGEHEIDAIFKYAEKLKDLSILHVNSTAAGGGVAEILHRLVPLMRELGLNAEWKVIRGSQDFFTVTKSFHNA
LQTGKGEIPDEYFKIYDEWQEINAGEIPLDYDVVFIHDPQPAGLVKYRKKGTWIWRCHIDISNPHPKVWGFLRGYISKYD
GMIVSIPEFARDDLDIPQIAIPPSIDPLSPKNMPLPQTTVDRIVDKFGVDRERPIILQVSRYDRAKDPVGVIESFRLAKR
HVPDAQLVYLGSPATDDPEGEVVYRETVEAARGEKDVHLLMLPPNSHVEVNAFQRAATVVMQKSIKEGFGLTVSEALWKR
KPVIGGNTGGIRIQVINGVTGFLVDSPKAAAYYLVYLLKNKKVREEMGEAGRDHVRRNFLITQQLRRYLMAILYLTKRHA
;
_entity_poly.pdbx_strand_id   AAA
#
loop_
_chem_comp.id
_chem_comp.type
_chem_comp.name
_chem_comp.formula
GLC D-saccharide, alpha linking alpha-D-glucopyranose 'C6 H12 O6'
GOL non-polymer GLYCEROL 'C3 H8 O3'
#
# COMPACT_ATOMS: atom_id res chain seq x y z
N MET A 1 17.35 -11.75 5.49
CA MET A 1 17.79 -12.83 6.45
C MET A 1 16.97 -12.73 7.74
N ILE A 2 16.22 -13.78 8.07
CA ILE A 2 15.17 -13.72 9.13
C ILE A 2 15.84 -13.50 10.49
N GLU A 3 17.11 -13.91 10.64
CA GLU A 3 17.90 -13.75 11.88
C GLU A 3 17.96 -12.25 12.24
N ARG A 4 18.13 -11.39 11.23
CA ARG A 4 18.34 -9.92 11.37
C ARG A 4 17.11 -9.23 11.96
N TYR A 5 15.93 -9.85 11.95
CA TYR A 5 14.67 -9.20 12.42
C TYR A 5 14.47 -9.38 13.92
N VAL A 6 15.27 -10.22 14.59
CA VAL A 6 15.16 -10.43 16.07
C VAL A 6 15.31 -9.07 16.75
N GLU A 7 16.26 -8.26 16.27
CA GLU A 7 16.56 -6.87 16.70
C GLU A 7 15.27 -6.06 16.89
N PHE A 8 14.26 -6.25 16.03
CA PHE A 8 13.01 -5.44 15.98
C PHE A 8 11.86 -6.15 16.71
N VAL A 9 11.67 -7.45 16.48
CA VAL A 9 10.42 -8.16 16.90
C VAL A 9 10.69 -9.21 17.99
N GLY A 10 11.96 -9.56 18.25
CA GLY A 10 12.34 -10.53 19.30
C GLY A 10 12.27 -11.95 18.78
N GLU A 11 12.73 -12.92 19.58
CA GLU A 11 13.03 -14.31 19.14
C GLU A 11 11.76 -15.15 18.99
N HIS A 12 10.69 -14.88 19.76
CA HIS A 12 9.46 -15.72 19.81
C HIS A 12 8.76 -15.69 18.45
N GLU A 13 8.60 -14.50 17.85
CA GLU A 13 7.96 -14.33 16.52
C GLU A 13 8.77 -15.10 15.46
N ILE A 14 10.10 -15.15 15.57
CA ILE A 14 10.96 -15.80 14.54
C ILE A 14 10.86 -17.33 14.68
N ASP A 15 10.94 -17.85 15.91
CA ASP A 15 10.78 -19.29 16.22
C ASP A 15 9.44 -19.75 15.66
N ALA A 16 8.37 -19.00 15.95
CA ALA A 16 6.99 -19.23 15.45
C ALA A 16 6.98 -19.34 13.92
N ILE A 17 7.70 -18.45 13.21
CA ILE A 17 7.75 -18.41 11.72
C ILE A 17 8.42 -19.69 11.21
N PHE A 18 9.54 -20.09 11.82
CA PHE A 18 10.29 -21.34 11.48
C PHE A 18 9.38 -22.56 11.72
N LYS A 19 8.70 -22.60 12.87
CA LYS A 19 7.73 -23.65 13.28
C LYS A 19 6.65 -23.81 12.19
N TYR A 20 6.05 -22.71 11.73
CA TYR A 20 4.96 -22.73 10.71
C TYR A 20 5.52 -23.16 9.36
N ALA A 21 6.71 -22.65 8.99
CA ALA A 21 7.39 -22.94 7.71
C ALA A 21 7.69 -24.44 7.60
N GLU A 22 8.13 -25.05 8.70
CA GLU A 22 8.39 -26.51 8.81
C GLU A 22 7.14 -27.29 8.38
N LYS A 23 5.96 -26.83 8.81
CA LYS A 23 4.67 -27.51 8.55
C LYS A 23 4.24 -27.33 7.08
N LEU A 24 4.88 -26.45 6.31
CA LEU A 24 4.44 -26.07 4.92
C LEU A 24 5.52 -26.37 3.88
N LYS A 25 6.68 -26.91 4.29
CA LYS A 25 7.94 -26.86 3.49
C LYS A 25 7.87 -27.75 2.23
N ASP A 26 6.81 -28.53 2.00
CA ASP A 26 6.64 -29.29 0.73
C ASP A 26 5.25 -29.03 0.12
N LEU A 27 4.70 -27.83 0.33
CA LEU A 27 3.62 -27.26 -0.52
C LEU A 27 4.28 -26.41 -1.61
N SER A 28 3.74 -26.44 -2.83
CA SER A 28 4.06 -25.47 -3.91
C SER A 28 3.13 -24.26 -3.77
N ILE A 29 3.69 -23.05 -3.74
CA ILE A 29 2.94 -21.78 -3.55
C ILE A 29 3.23 -20.87 -4.75
N LEU A 30 2.17 -20.44 -5.43
CA LEU A 30 2.23 -19.44 -6.53
C LEU A 30 1.50 -18.17 -6.08
N HIS A 31 2.17 -17.03 -6.21
CA HIS A 31 1.55 -15.67 -6.14
C HIS A 31 1.36 -15.14 -7.56
N VAL A 32 0.19 -14.59 -7.87
CA VAL A 32 -0.09 -13.93 -9.19
C VAL A 32 -0.61 -12.52 -8.92
N ASN A 33 0.08 -11.51 -9.45
CA ASN A 33 -0.38 -10.09 -9.45
C ASN A 33 -0.21 -9.52 -10.86
N SER A 34 -0.31 -8.19 -11.03
CA SER A 34 -0.48 -7.52 -12.34
C SER A 34 0.68 -6.57 -12.67
N THR A 35 1.77 -6.57 -11.89
CA THR A 35 2.99 -5.76 -12.14
C THR A 35 4.13 -6.17 -11.19
N ALA A 36 5.37 -6.21 -11.70
CA ALA A 36 6.60 -6.56 -10.95
C ALA A 36 7.45 -5.31 -10.68
N ALA A 37 7.16 -4.19 -11.35
CA ALA A 37 7.94 -2.94 -11.31
C ALA A 37 7.14 -1.83 -10.64
N GLY A 38 5.94 -2.17 -10.14
CA GLY A 38 4.83 -1.22 -9.89
C GLY A 38 4.84 -0.68 -8.47
N GLY A 39 3.72 -0.79 -7.77
CA GLY A 39 3.46 -0.12 -6.48
C GLY A 39 3.61 -1.06 -5.30
N GLY A 40 2.69 -0.97 -4.33
CA GLY A 40 2.78 -1.61 -3.00
C GLY A 40 2.76 -3.12 -3.07
N VAL A 41 1.92 -3.71 -3.92
CA VAL A 41 1.80 -5.20 -4.03
C VAL A 41 3.17 -5.75 -4.45
N ALA A 42 3.77 -5.17 -5.49
CA ALA A 42 5.12 -5.53 -6.00
C ALA A 42 6.17 -5.34 -4.91
N GLU A 43 6.13 -4.21 -4.20
CA GLU A 43 7.11 -3.87 -3.14
C GLU A 43 7.03 -4.93 -2.02
N ILE A 44 5.81 -5.36 -1.66
CA ILE A 44 5.56 -6.43 -0.65
C ILE A 44 6.19 -7.74 -1.16
N LEU A 45 5.81 -8.17 -2.36
CA LEU A 45 6.17 -9.51 -2.89
C LEU A 45 7.69 -9.60 -3.13
N HIS A 46 8.34 -8.51 -3.58
CA HIS A 46 9.82 -8.44 -3.78
C HIS A 46 10.54 -8.75 -2.47
N ARG A 47 9.95 -8.42 -1.32
CA ARG A 47 10.54 -8.69 0.02
C ARG A 47 10.02 -10.03 0.57
N LEU A 48 8.75 -10.35 0.33
CA LEU A 48 8.05 -11.47 1.02
C LEU A 48 8.38 -12.80 0.35
N VAL A 49 8.37 -12.87 -0.98
CA VAL A 49 8.66 -14.14 -1.72
C VAL A 49 10.07 -14.63 -1.38
N PRO A 50 11.14 -13.78 -1.43
CA PRO A 50 12.48 -14.21 -1.00
C PRO A 50 12.57 -14.74 0.44
N LEU A 51 11.84 -14.13 1.38
CA LEU A 51 11.80 -14.61 2.79
C LEU A 51 11.16 -15.99 2.87
N MET A 52 10.14 -16.24 2.04
CA MET A 52 9.47 -17.56 1.97
C MET A 52 10.51 -18.59 1.51
N ARG A 53 11.23 -18.32 0.42
CA ARG A 53 12.26 -19.24 -0.13
C ARG A 53 13.29 -19.56 0.97
N GLU A 54 13.78 -18.54 1.67
CA GLU A 54 14.84 -18.70 2.69
C GLU A 54 14.36 -19.63 3.83
N LEU A 55 13.05 -19.75 4.03
CA LEU A 55 12.45 -20.67 5.04
C LEU A 55 12.27 -22.08 4.46
N GLY A 56 12.67 -22.31 3.20
CA GLY A 56 12.57 -23.62 2.52
C GLY A 56 11.21 -23.88 1.89
N LEU A 57 10.37 -22.84 1.77
CA LEU A 57 9.07 -22.92 1.05
C LEU A 57 9.36 -22.84 -0.45
N ASN A 58 8.67 -23.66 -1.25
CA ASN A 58 8.68 -23.65 -2.73
C ASN A 58 7.68 -22.60 -3.22
N ALA A 59 8.09 -21.32 -3.21
CA ALA A 59 7.21 -20.17 -3.50
C ALA A 59 7.66 -19.49 -4.80
N GLU A 60 6.76 -19.34 -5.75
CA GLU A 60 7.01 -18.64 -7.04
C GLU A 60 6.09 -17.42 -7.16
N TRP A 61 6.42 -16.51 -8.07
CA TRP A 61 5.69 -15.24 -8.30
C TRP A 61 5.67 -14.94 -9.80
N LYS A 62 4.48 -14.93 -10.39
CA LYS A 62 4.23 -14.65 -11.83
C LYS A 62 3.38 -13.39 -11.96
N VAL A 63 3.55 -12.65 -13.06
CA VAL A 63 2.83 -11.38 -13.35
C VAL A 63 2.00 -11.57 -14.62
N ILE A 64 0.70 -11.32 -14.56
CA ILE A 64 -0.18 -11.28 -15.77
C ILE A 64 0.32 -10.13 -16.66
N ARG A 65 0.12 -10.25 -17.97
CA ARG A 65 0.32 -9.13 -18.92
C ARG A 65 -1.04 -8.78 -19.54
N GLY A 66 -1.12 -7.61 -20.15
CA GLY A 66 -2.33 -7.12 -20.83
C GLY A 66 -2.01 -5.95 -21.75
N SER A 67 -2.95 -5.63 -22.64
CA SER A 67 -2.96 -4.38 -23.45
C SER A 67 -3.37 -3.23 -22.52
N GLN A 68 -3.07 -1.99 -22.90
CA GLN A 68 -3.46 -0.79 -22.11
C GLN A 68 -4.99 -0.74 -21.97
N ASP A 69 -5.71 -1.30 -22.94
CA ASP A 69 -7.19 -1.44 -22.91
C ASP A 69 -7.59 -2.34 -21.73
N PHE A 70 -6.85 -3.43 -21.51
CA PHE A 70 -7.03 -4.32 -20.33
C PHE A 70 -6.84 -3.50 -19.05
N PHE A 71 -5.71 -2.77 -18.95
CA PHE A 71 -5.32 -1.97 -17.77
C PHE A 71 -6.19 -0.71 -17.64
N THR A 72 -6.93 -0.33 -18.71
CA THR A 72 -7.97 0.74 -18.66
C THR A 72 -9.20 0.17 -17.97
N VAL A 73 -9.55 -1.08 -18.30
CA VAL A 73 -10.72 -1.79 -17.73
C VAL A 73 -10.49 -2.02 -16.22
N THR A 74 -9.27 -2.42 -15.83
CA THR A 74 -8.94 -2.83 -14.43
C THR A 74 -8.76 -1.60 -13.53
N LYS A 75 -8.24 -0.49 -14.08
CA LYS A 75 -8.16 0.84 -13.38
C LYS A 75 -9.58 1.32 -13.05
N SER A 76 -10.51 1.19 -13.99
CA SER A 76 -11.92 1.64 -13.84
C SER A 76 -12.67 0.72 -12.88
N PHE A 77 -12.45 -0.60 -12.96
CA PHE A 77 -12.94 -1.60 -11.99
C PHE A 77 -12.48 -1.22 -10.58
N HIS A 78 -11.19 -0.88 -10.45
CA HIS A 78 -10.53 -0.46 -9.18
C HIS A 78 -11.26 0.76 -8.60
N ASN A 79 -11.46 1.80 -9.42
CA ASN A 79 -12.08 3.09 -8.98
C ASN A 79 -13.56 2.88 -8.68
N ALA A 80 -14.26 2.04 -9.44
CA ALA A 80 -15.68 1.70 -9.23
C ALA A 80 -15.85 0.88 -7.95
N LEU A 81 -14.93 -0.04 -7.67
CA LEU A 81 -14.96 -0.87 -6.43
C LEU A 81 -14.78 0.05 -5.21
N GLN A 82 -13.90 1.05 -5.29
CA GLN A 82 -13.53 1.90 -4.13
C GLN A 82 -14.52 3.07 -3.95
N THR A 83 -15.04 3.65 -5.04
CA THR A 83 -15.92 4.87 -5.01
C THR A 83 -17.41 4.51 -5.11
N GLY A 84 -17.75 3.29 -5.55
CA GLY A 84 -19.14 2.84 -5.72
C GLY A 84 -19.83 3.52 -6.90
N LYS A 85 -19.06 4.20 -7.77
CA LYS A 85 -19.56 5.06 -8.86
C LYS A 85 -18.92 4.68 -10.19
N GLY A 86 -19.56 5.07 -11.29
CA GLY A 86 -19.01 4.99 -12.66
C GLY A 86 -19.97 4.29 -13.61
N GLU A 87 -19.76 4.48 -14.91
CA GLU A 87 -20.48 3.76 -15.99
C GLU A 87 -19.51 2.76 -16.62
N ILE A 88 -19.87 1.47 -16.59
CA ILE A 88 -19.01 0.35 -17.05
C ILE A 88 -19.66 -0.27 -18.28
N PRO A 89 -19.14 0.01 -19.50
CA PRO A 89 -19.59 -0.66 -20.72
C PRO A 89 -19.48 -2.19 -20.61
N ASP A 90 -20.53 -2.91 -21.01
CA ASP A 90 -20.59 -4.40 -21.01
C ASP A 90 -19.37 -4.99 -21.74
N GLU A 91 -18.74 -4.23 -22.64
CA GLU A 91 -17.52 -4.63 -23.40
C GLU A 91 -16.35 -4.83 -22.43
N TYR A 92 -16.31 -4.09 -21.31
CA TYR A 92 -15.24 -4.14 -20.28
C TYR A 92 -15.11 -5.58 -19.75
N PHE A 93 -16.24 -6.21 -19.40
CA PHE A 93 -16.31 -7.58 -18.85
C PHE A 93 -15.76 -8.59 -19.87
N LYS A 94 -16.05 -8.37 -21.15
CA LYS A 94 -15.60 -9.26 -22.26
C LYS A 94 -14.09 -9.08 -22.46
N ILE A 95 -13.58 -7.84 -22.41
CA ILE A 95 -12.12 -7.53 -22.47
C ILE A 95 -11.42 -8.28 -21.33
N TYR A 96 -11.97 -8.18 -20.11
CA TYR A 96 -11.43 -8.79 -18.87
C TYR A 96 -11.26 -10.30 -19.10
N ASP A 97 -12.37 -11.00 -19.36
CA ASP A 97 -12.40 -12.49 -19.45
C ASP A 97 -11.41 -12.97 -20.53
N GLU A 98 -11.27 -12.23 -21.64
CA GLU A 98 -10.35 -12.59 -22.75
C GLU A 98 -8.91 -12.65 -22.22
N TRP A 99 -8.54 -11.70 -21.38
CA TRP A 99 -7.15 -11.56 -20.86
C TRP A 99 -6.94 -12.51 -19.67
N GLN A 100 -8.03 -12.96 -19.02
CA GLN A 100 -7.99 -14.10 -18.07
C GLN A 100 -7.56 -15.35 -18.88
N GLU A 101 -8.30 -15.66 -19.95
CA GLU A 101 -8.01 -16.82 -20.85
C GLU A 101 -6.57 -16.75 -21.35
N ILE A 102 -6.17 -15.64 -21.97
CA ILE A 102 -4.83 -15.43 -22.59
C ILE A 102 -3.74 -15.75 -21.55
N ASN A 103 -3.90 -15.25 -20.32
CA ASN A 103 -2.90 -15.37 -19.22
C ASN A 103 -2.89 -16.81 -18.68
N ALA A 104 -4.05 -17.46 -18.53
CA ALA A 104 -4.19 -18.84 -18.02
C ALA A 104 -3.29 -19.78 -18.84
N GLY A 105 -3.36 -19.67 -20.17
CA GLY A 105 -2.57 -20.45 -21.13
C GLY A 105 -1.07 -20.21 -20.97
N GLU A 106 -0.67 -18.99 -20.63
CA GLU A 106 0.75 -18.56 -20.50
C GLU A 106 1.29 -18.77 -19.08
N ILE A 107 0.44 -19.20 -18.12
CA ILE A 107 0.83 -19.36 -16.69
C ILE A 107 0.44 -20.76 -16.22
N PRO A 108 1.41 -21.58 -15.75
CA PRO A 108 1.07 -22.85 -15.12
C PRO A 108 0.43 -22.55 -13.75
N LEU A 109 -0.77 -23.11 -13.51
CA LEU A 109 -1.63 -22.81 -12.34
C LEU A 109 -1.73 -24.02 -11.41
N ASP A 110 -0.92 -25.07 -11.63
CA ASP A 110 -1.00 -26.37 -10.92
C ASP A 110 -0.07 -26.35 -9.69
N TYR A 111 -0.42 -25.56 -8.69
CA TYR A 111 0.26 -25.45 -7.36
C TYR A 111 -0.69 -25.90 -6.25
N ASP A 112 -0.16 -26.26 -5.09
CA ASP A 112 -0.97 -26.63 -3.89
C ASP A 112 -1.70 -25.39 -3.37
N VAL A 113 -1.06 -24.23 -3.44
CA VAL A 113 -1.59 -22.93 -2.94
C VAL A 113 -1.36 -21.86 -4.01
N VAL A 114 -2.43 -21.21 -4.46
CA VAL A 114 -2.37 -20.07 -5.42
C VAL A 114 -2.96 -18.84 -4.72
N PHE A 115 -2.12 -17.83 -4.48
CA PHE A 115 -2.52 -16.46 -4.09
C PHE A 115 -2.76 -15.60 -5.34
N ILE A 116 -3.99 -15.12 -5.52
CA ILE A 116 -4.34 -14.12 -6.56
C ILE A 116 -4.47 -12.76 -5.90
N HIS A 117 -3.62 -11.81 -6.29
CA HIS A 117 -3.58 -10.42 -5.78
C HIS A 117 -4.48 -9.52 -6.63
N ASP A 118 -5.54 -9.01 -6.00
CA ASP A 118 -6.39 -7.86 -6.45
C ASP A 118 -7.25 -8.28 -7.64
N PRO A 119 -8.16 -7.42 -8.12
CA PRO A 119 -9.16 -7.82 -9.12
C PRO A 119 -8.62 -8.26 -10.49
N GLN A 120 -7.47 -7.74 -10.93
CA GLN A 120 -6.93 -7.91 -12.30
C GLN A 120 -6.81 -9.40 -12.65
N PRO A 121 -6.15 -10.26 -11.85
CA PRO A 121 -6.02 -11.68 -12.18
C PRO A 121 -7.08 -12.59 -11.55
N ALA A 122 -8.12 -12.01 -10.94
CA ALA A 122 -9.16 -12.72 -10.16
C ALA A 122 -9.85 -13.80 -11.00
N GLY A 123 -10.04 -13.54 -12.30
CA GLY A 123 -10.76 -14.44 -13.21
C GLY A 123 -9.94 -15.66 -13.62
N LEU A 124 -8.71 -15.79 -13.11
CA LEU A 124 -7.83 -16.98 -13.36
C LEU A 124 -8.38 -18.21 -12.62
N VAL A 125 -9.28 -18.02 -11.64
CA VAL A 125 -9.88 -19.13 -10.84
C VAL A 125 -10.82 -19.96 -11.73
N LYS A 126 -11.27 -19.39 -12.85
CA LYS A 126 -12.05 -20.10 -13.90
C LYS A 126 -11.27 -21.37 -14.31
N TYR A 127 -9.94 -21.27 -14.39
CA TYR A 127 -9.01 -22.29 -14.92
C TYR A 127 -8.26 -22.99 -13.77
N ARG A 128 -8.82 -22.97 -12.56
CA ARG A 128 -8.21 -23.61 -11.37
C ARG A 128 -8.24 -25.13 -11.53
N LYS A 129 -7.15 -25.81 -11.18
CA LYS A 129 -7.11 -27.29 -11.00
C LYS A 129 -7.58 -27.56 -9.57
N LYS A 130 -6.87 -28.39 -8.80
CA LYS A 130 -7.17 -28.63 -7.36
C LYS A 130 -6.44 -27.56 -6.53
N GLY A 131 -5.87 -27.90 -5.38
CA GLY A 131 -5.07 -26.99 -4.54
C GLY A 131 -5.95 -25.97 -3.83
N THR A 132 -5.36 -25.12 -2.98
CA THR A 132 -6.06 -24.08 -2.20
C THR A 132 -5.87 -22.72 -2.88
N TRP A 133 -6.97 -22.10 -3.34
CA TRP A 133 -6.98 -20.75 -3.98
C TRP A 133 -7.41 -19.67 -2.98
N ILE A 134 -6.57 -18.64 -2.82
CA ILE A 134 -6.78 -17.51 -1.87
C ILE A 134 -6.77 -16.18 -2.65
N TRP A 135 -7.85 -15.42 -2.55
CA TRP A 135 -7.93 -14.07 -3.17
C TRP A 135 -7.42 -13.04 -2.16
N ARG A 136 -6.30 -12.42 -2.46
CA ARG A 136 -5.65 -11.39 -1.60
C ARG A 136 -6.06 -10.02 -2.14
N CYS A 137 -7.09 -9.43 -1.53
CA CYS A 137 -7.63 -8.09 -1.88
C CYS A 137 -6.85 -7.01 -1.14
N HIS A 138 -6.31 -6.02 -1.85
CA HIS A 138 -5.44 -4.94 -1.28
C HIS A 138 -6.23 -3.63 -1.18
N ILE A 139 -7.43 -3.59 -1.75
CA ILE A 139 -8.19 -2.32 -1.96
C ILE A 139 -9.42 -2.31 -1.05
N ASP A 140 -10.12 -1.18 -1.03
CA ASP A 140 -11.36 -0.93 -0.27
C ASP A 140 -12.55 -1.46 -1.06
N ILE A 141 -13.17 -2.54 -0.58
CA ILE A 141 -14.36 -3.18 -1.22
C ILE A 141 -15.57 -3.11 -0.29
N SER A 142 -15.54 -2.23 0.73
CA SER A 142 -16.63 -2.08 1.73
C SER A 142 -17.93 -1.63 1.07
N ASN A 143 -17.86 -0.77 0.04
CA ASN A 143 -19.06 -0.12 -0.56
C ASN A 143 -18.85 0.05 -2.06
N PRO A 144 -18.86 -1.05 -2.85
CA PRO A 144 -18.51 -0.99 -4.27
C PRO A 144 -19.68 -0.86 -5.26
N HIS A 145 -19.35 -0.44 -6.49
CA HIS A 145 -20.25 -0.49 -7.68
C HIS A 145 -20.89 -1.88 -7.73
N PRO A 146 -22.23 -1.99 -7.61
CA PRO A 146 -22.89 -3.30 -7.53
C PRO A 146 -22.69 -4.22 -8.75
N LYS A 147 -22.50 -3.64 -9.94
CA LYS A 147 -22.34 -4.36 -11.23
C LYS A 147 -20.93 -4.95 -11.33
N VAL A 148 -19.91 -4.15 -11.02
CA VAL A 148 -18.49 -4.58 -11.00
C VAL A 148 -18.32 -5.61 -9.87
N TRP A 149 -18.85 -5.34 -8.68
CA TRP A 149 -18.76 -6.27 -7.54
C TRP A 149 -19.53 -7.57 -7.86
N GLY A 150 -20.82 -7.46 -8.21
CA GLY A 150 -21.65 -8.60 -8.61
C GLY A 150 -20.88 -9.55 -9.53
N PHE A 151 -20.17 -8.97 -10.50
CA PHE A 151 -19.32 -9.68 -11.50
C PHE A 151 -18.12 -10.35 -10.82
N LEU A 152 -17.27 -9.58 -10.13
CA LEU A 152 -16.01 -10.09 -9.51
C LEU A 152 -16.33 -11.13 -8.43
N ARG A 153 -17.43 -10.96 -7.72
CA ARG A 153 -17.96 -11.90 -6.70
C ARG A 153 -18.31 -13.24 -7.35
N GLY A 154 -18.66 -13.22 -8.65
CA GLY A 154 -18.82 -14.44 -9.46
C GLY A 154 -17.58 -15.30 -9.37
N TYR A 155 -16.40 -14.67 -9.43
CA TYR A 155 -15.08 -15.34 -9.35
C TYR A 155 -14.68 -15.57 -7.90
N ILE A 156 -14.82 -14.56 -7.02
CA ILE A 156 -14.34 -14.60 -5.60
C ILE A 156 -14.97 -15.78 -4.86
N SER A 157 -16.26 -16.05 -5.09
CA SER A 157 -17.06 -17.10 -4.42
C SER A 157 -16.53 -18.51 -4.73
N LYS A 158 -15.67 -18.65 -5.75
CA LYS A 158 -15.08 -19.94 -6.19
C LYS A 158 -13.72 -20.17 -5.51
N TYR A 159 -13.17 -19.16 -4.81
CA TYR A 159 -11.89 -19.29 -4.05
C TYR A 159 -12.16 -20.03 -2.74
N ASP A 160 -11.11 -20.60 -2.14
CA ASP A 160 -11.17 -21.37 -0.86
C ASP A 160 -11.12 -20.43 0.35
N GLY A 161 -10.63 -19.21 0.13
CA GLY A 161 -10.36 -18.24 1.20
C GLY A 161 -10.04 -16.88 0.60
N MET A 162 -10.09 -15.86 1.44
CA MET A 162 -9.93 -14.46 1.01
C MET A 162 -9.18 -13.69 2.10
N ILE A 163 -8.22 -12.85 1.70
CA ILE A 163 -7.47 -11.97 2.62
C ILE A 163 -7.82 -10.53 2.25
N VAL A 164 -8.26 -9.77 3.25
CA VAL A 164 -8.49 -8.29 3.17
C VAL A 164 -7.54 -7.62 4.19
N SER A 165 -7.25 -6.34 4.03
CA SER A 165 -6.19 -5.66 4.81
C SER A 165 -6.72 -5.29 6.20
N ILE A 166 -8.03 -5.06 6.32
CA ILE A 166 -8.72 -4.69 7.60
C ILE A 166 -10.08 -5.35 7.62
N PRO A 167 -10.62 -5.68 8.83
CA PRO A 167 -11.88 -6.40 8.95
C PRO A 167 -13.08 -5.70 8.26
N GLU A 168 -13.03 -4.37 8.19
CA GLU A 168 -14.12 -3.51 7.66
C GLU A 168 -14.32 -3.78 6.15
N PHE A 169 -13.39 -4.45 5.48
CA PHE A 169 -13.49 -4.78 4.03
C PHE A 169 -14.11 -6.18 3.84
N ALA A 170 -14.30 -6.93 4.92
CA ALA A 170 -14.98 -8.24 4.89
C ALA A 170 -16.40 -8.05 4.36
N ARG A 171 -16.85 -8.94 3.48
CA ARG A 171 -18.19 -8.92 2.83
C ARG A 171 -19.11 -9.92 3.54
N ASP A 172 -20.29 -9.49 3.97
CA ASP A 172 -21.32 -10.39 4.54
C ASP A 172 -22.06 -11.11 3.40
N ASP A 173 -21.81 -10.73 2.14
CA ASP A 173 -22.39 -11.39 0.93
C ASP A 173 -21.39 -12.41 0.36
N LEU A 174 -20.49 -12.93 1.20
CA LEU A 174 -19.50 -14.00 0.88
C LEU A 174 -19.43 -14.95 2.07
N ASP A 175 -19.38 -16.27 1.81
CA ASP A 175 -19.44 -17.33 2.85
C ASP A 175 -18.09 -18.03 2.99
N ILE A 176 -17.15 -17.77 2.07
CA ILE A 176 -15.76 -18.32 2.15
C ILE A 176 -15.05 -17.61 3.29
N PRO A 177 -14.07 -18.25 3.95
CA PRO A 177 -13.26 -17.59 4.97
C PRO A 177 -12.69 -16.25 4.49
N GLN A 178 -12.81 -15.22 5.34
CA GLN A 178 -12.32 -13.84 5.08
C GLN A 178 -11.38 -13.44 6.23
N ILE A 179 -10.08 -13.33 5.94
CA ILE A 179 -9.00 -13.13 6.95
C ILE A 179 -8.42 -11.72 6.78
N ALA A 180 -8.40 -10.92 7.85
CA ALA A 180 -7.79 -9.58 7.88
C ALA A 180 -6.29 -9.73 8.15
N ILE A 181 -5.45 -9.48 7.15
CA ILE A 181 -3.97 -9.38 7.30
C ILE A 181 -3.54 -8.03 6.75
N PRO A 182 -3.18 -7.06 7.62
CA PRO A 182 -2.60 -5.80 7.17
C PRO A 182 -1.30 -6.07 6.43
N PRO A 183 -0.99 -5.30 5.38
CA PRO A 183 0.34 -5.31 4.79
C PRO A 183 1.39 -4.78 5.79
N SER A 184 2.64 -4.71 5.35
CA SER A 184 3.80 -4.47 6.22
C SER A 184 4.89 -3.76 5.42
N ILE A 185 5.84 -3.20 6.15
CA ILE A 185 7.10 -2.66 5.58
C ILE A 185 8.23 -3.60 6.02
N ASP A 186 9.21 -3.78 5.13
CA ASP A 186 10.48 -4.45 5.44
C ASP A 186 11.47 -3.39 5.92
N PRO A 187 11.79 -3.37 7.23
CA PRO A 187 12.66 -2.32 7.79
C PRO A 187 14.09 -2.36 7.25
N LEU A 188 14.48 -3.46 6.58
CA LEU A 188 15.84 -3.64 5.99
C LEU A 188 15.82 -3.36 4.49
N SER A 189 14.67 -3.03 3.90
CA SER A 189 14.56 -2.73 2.46
C SER A 189 15.22 -1.37 2.18
N PRO A 190 15.66 -1.10 0.94
CA PRO A 190 16.20 0.21 0.58
C PRO A 190 15.26 1.39 0.90
N LYS A 191 13.96 1.16 0.79
CA LYS A 191 12.90 2.15 1.14
C LYS A 191 13.02 2.57 2.62
N ASN A 192 13.41 1.66 3.50
CA ASN A 192 13.24 1.83 4.97
C ASN A 192 14.57 1.84 5.74
N MET A 193 15.66 1.31 5.18
CA MET A 193 16.96 1.18 5.91
C MET A 193 17.42 2.54 6.39
N PRO A 194 18.17 2.61 7.52
CA PRO A 194 18.88 3.84 7.90
C PRO A 194 19.76 4.37 6.76
N LEU A 195 19.86 5.69 6.61
CA LEU A 195 20.77 6.36 5.63
C LEU A 195 21.69 7.31 6.39
N PRO A 196 22.93 7.53 5.90
CA PRO A 196 23.78 8.55 6.48
C PRO A 196 23.19 9.94 6.19
N GLN A 197 23.26 10.85 7.16
CA GLN A 197 22.75 12.24 7.07
C GLN A 197 23.19 12.88 5.74
N THR A 198 24.41 12.56 5.29
CA THR A 198 25.06 13.04 4.04
C THR A 198 24.19 12.70 2.81
N THR A 199 23.64 11.49 2.75
CA THR A 199 22.86 11.01 1.57
C THR A 199 21.49 11.70 1.57
N VAL A 200 20.84 11.80 2.73
CA VAL A 200 19.57 12.55 2.92
C VAL A 200 19.78 13.96 2.37
N ASP A 201 20.75 14.69 2.94
CA ASP A 201 21.07 16.10 2.60
C ASP A 201 21.31 16.24 1.09
N ARG A 202 22.10 15.34 0.50
CA ARG A 202 22.42 15.36 -0.95
C ARG A 202 21.12 15.36 -1.77
N ILE A 203 20.27 14.35 -1.55
CA ILE A 203 19.06 14.06 -2.37
C ILE A 203 18.06 15.20 -2.22
N VAL A 204 17.90 15.74 -1.01
CA VAL A 204 16.96 16.86 -0.73
C VAL A 204 17.39 18.09 -1.56
N ASP A 205 18.65 18.51 -1.44
CA ASP A 205 19.25 19.67 -2.16
C ASP A 205 19.13 19.49 -3.67
N LYS A 206 19.35 18.27 -4.16
CA LYS A 206 19.32 17.90 -5.60
C LYS A 206 18.00 18.37 -6.22
N PHE A 207 16.88 18.29 -5.48
CA PHE A 207 15.52 18.66 -5.95
C PHE A 207 15.16 20.09 -5.51
N GLY A 208 16.16 20.85 -5.04
CA GLY A 208 16.04 22.30 -4.75
C GLY A 208 15.17 22.59 -3.54
N VAL A 209 15.13 21.66 -2.58
CA VAL A 209 14.35 21.80 -1.31
C VAL A 209 15.32 22.23 -0.21
N ASP A 210 14.89 23.17 0.63
CA ASP A 210 15.71 23.75 1.73
C ASP A 210 15.47 22.91 2.99
N ARG A 211 16.51 22.23 3.48
CA ARG A 211 16.38 21.35 4.67
C ARG A 211 16.61 22.17 5.96
N GLU A 212 16.85 23.48 5.83
CA GLU A 212 16.94 24.42 6.99
C GLU A 212 15.52 24.82 7.45
N ARG A 213 14.50 24.57 6.63
CA ARG A 213 13.10 24.96 6.91
C ARG A 213 12.19 23.73 6.89
N PRO A 214 11.03 23.77 7.58
CA PRO A 214 10.15 22.60 7.70
C PRO A 214 9.69 22.06 6.34
N ILE A 215 9.57 20.74 6.24
CA ILE A 215 9.11 20.01 5.02
C ILE A 215 7.85 19.22 5.36
N ILE A 216 6.76 19.51 4.68
CA ILE A 216 5.53 18.68 4.68
C ILE A 216 5.61 17.79 3.44
N LEU A 217 5.49 16.48 3.61
CA LEU A 217 5.66 15.50 2.52
C LEU A 217 4.42 14.62 2.39
N GLN A 218 3.93 14.47 1.15
CA GLN A 218 3.08 13.33 0.74
C GLN A 218 3.82 12.57 -0.37
N VAL A 219 3.94 11.25 -0.19
CA VAL A 219 4.45 10.29 -1.22
C VAL A 219 3.22 9.59 -1.80
N SER A 220 3.00 9.68 -3.11
CA SER A 220 1.80 9.15 -3.78
C SER A 220 1.84 9.48 -5.28
N ARG A 221 1.14 8.70 -6.09
CA ARG A 221 0.83 9.03 -7.51
C ARG A 221 0.00 10.31 -7.54
N TYR A 222 0.06 11.06 -8.65
CA TYR A 222 -0.87 12.19 -8.95
C TYR A 222 -2.18 11.58 -9.42
N ASP A 223 -2.97 11.11 -8.45
CA ASP A 223 -4.24 10.37 -8.66
C ASP A 223 -5.32 10.91 -7.69
N ARG A 224 -6.56 11.00 -8.17
CA ARG A 224 -7.72 11.58 -7.43
C ARG A 224 -7.86 10.94 -6.03
N ALA A 225 -7.61 9.64 -5.89
CA ALA A 225 -7.76 8.88 -4.63
C ALA A 225 -6.73 9.34 -3.59
N LYS A 226 -5.63 9.98 -4.02
CA LYS A 226 -4.58 10.56 -3.14
C LYS A 226 -4.81 12.06 -2.91
N ASP A 227 -5.70 12.67 -3.71
CA ASP A 227 -6.19 14.08 -3.57
C ASP A 227 -5.03 15.05 -3.48
N PRO A 228 -4.12 15.09 -4.48
CA PRO A 228 -3.03 16.05 -4.49
C PRO A 228 -3.51 17.51 -4.47
N VAL A 229 -4.63 17.80 -5.13
CA VAL A 229 -5.25 19.17 -5.16
C VAL A 229 -5.62 19.56 -3.73
N GLY A 230 -6.33 18.68 -3.01
CA GLY A 230 -6.65 18.84 -1.59
C GLY A 230 -5.42 19.04 -0.72
N VAL A 231 -4.32 18.31 -1.00
CA VAL A 231 -3.05 18.41 -0.22
C VAL A 231 -2.49 19.82 -0.38
N ILE A 232 -2.46 20.34 -1.59
CA ILE A 232 -1.94 21.71 -1.87
C ILE A 232 -2.83 22.73 -1.16
N GLU A 233 -4.15 22.54 -1.21
CA GLU A 233 -5.14 23.39 -0.50
C GLU A 233 -4.81 23.40 1.00
N SER A 234 -4.52 22.24 1.60
CA SER A 234 -4.16 22.08 3.04
C SER A 234 -2.96 22.97 3.34
N PHE A 235 -1.92 22.83 2.50
CA PHE A 235 -0.63 23.55 2.68
C PHE A 235 -0.86 25.06 2.57
N ARG A 236 -1.65 25.47 1.57
CA ARG A 236 -2.00 26.89 1.29
C ARG A 236 -2.65 27.48 2.55
N LEU A 237 -3.57 26.75 3.19
CA LEU A 237 -4.24 27.20 4.43
C LEU A 237 -3.23 27.28 5.57
N ALA A 238 -2.39 26.26 5.77
CA ALA A 238 -1.40 26.21 6.87
C ALA A 238 -0.34 27.30 6.68
N LYS A 239 0.03 27.56 5.42
CA LYS A 239 1.16 28.46 5.03
C LYS A 239 1.00 29.85 5.66
N ARG A 240 -0.24 30.33 5.83
CA ARG A 240 -0.55 31.66 6.45
C ARG A 240 -0.02 31.68 7.88
N HIS A 241 -0.04 30.54 8.58
CA HIS A 241 0.32 30.43 10.02
C HIS A 241 1.75 29.88 10.17
N VAL A 242 2.30 29.21 9.16
CA VAL A 242 3.71 28.71 9.17
C VAL A 242 4.37 29.11 7.86
N PRO A 243 4.78 30.40 7.72
CA PRO A 243 5.23 30.94 6.43
C PRO A 243 6.51 30.29 5.87
N ASP A 244 7.40 29.79 6.74
CA ASP A 244 8.69 29.19 6.31
C ASP A 244 8.50 27.73 5.85
N ALA A 245 7.29 27.16 5.96
CA ALA A 245 6.99 25.74 5.65
C ALA A 245 7.09 25.48 4.14
N GLN A 246 7.49 24.27 3.76
CA GLN A 246 7.57 23.81 2.35
C GLN A 246 6.69 22.57 2.19
N LEU A 247 6.09 22.42 1.01
CA LEU A 247 5.38 21.19 0.58
C LEU A 247 6.22 20.47 -0.46
N VAL A 248 6.44 19.17 -0.27
CA VAL A 248 6.99 18.25 -1.30
C VAL A 248 5.92 17.21 -1.57
N TYR A 249 5.43 17.14 -2.82
CA TYR A 249 4.60 16.05 -3.34
C TYR A 249 5.52 15.16 -4.18
N LEU A 250 5.79 13.94 -3.71
CA LEU A 250 6.77 13.01 -4.33
C LEU A 250 6.00 11.96 -5.12
N GLY A 251 5.80 12.21 -6.42
CA GLY A 251 4.94 11.40 -7.30
C GLY A 251 5.72 10.49 -8.22
N SER A 252 4.99 9.72 -9.04
CA SER A 252 5.49 8.67 -9.96
C SER A 252 4.47 8.49 -11.09
N PRO A 253 4.87 8.59 -12.38
CA PRO A 253 3.93 8.50 -13.50
C PRO A 253 3.28 7.11 -13.64
N GLU A 259 -4.93 10.15 -18.02
CA GLU A 259 -5.78 10.87 -17.03
C GLU A 259 -4.95 11.26 -15.81
N GLY A 260 -3.79 10.64 -15.61
CA GLY A 260 -2.82 10.97 -14.52
C GLY A 260 -2.18 12.33 -14.74
N GLU A 261 -1.92 12.70 -16.01
CA GLU A 261 -1.38 14.02 -16.41
C GLU A 261 -2.43 15.11 -16.13
N VAL A 262 -3.72 14.79 -16.25
CA VAL A 262 -4.85 15.71 -15.98
C VAL A 262 -4.82 16.16 -14.51
N VAL A 263 -4.64 15.21 -13.58
CA VAL A 263 -4.62 15.47 -12.11
C VAL A 263 -3.36 16.29 -11.79
N TYR A 264 -2.21 15.87 -12.33
CA TYR A 264 -0.90 16.55 -12.17
C TYR A 264 -1.02 18.01 -12.61
N ARG A 265 -1.72 18.27 -13.71
CA ARG A 265 -1.92 19.65 -14.27
C ARG A 265 -2.74 20.47 -13.28
N GLU A 266 -3.86 19.92 -12.78
CA GLU A 266 -4.75 20.58 -11.78
C GLU A 266 -3.94 20.90 -10.52
N THR A 267 -3.04 19.99 -10.15
CA THR A 267 -2.12 20.09 -8.99
C THR A 267 -1.16 21.27 -9.23
N VAL A 268 -0.56 21.36 -10.42
CA VAL A 268 0.30 22.51 -10.84
C VAL A 268 -0.51 23.80 -10.74
N GLU A 269 -1.78 23.81 -11.20
CA GLU A 269 -2.66 25.00 -11.16
C GLU A 269 -2.94 25.38 -9.71
N ALA A 270 -3.41 24.44 -8.89
CA ALA A 270 -3.68 24.65 -7.44
C ALA A 270 -2.45 25.24 -6.73
N ALA A 271 -1.24 24.91 -7.20
CA ALA A 271 0.05 25.37 -6.64
C ALA A 271 0.47 26.73 -7.22
N ARG A 272 -0.01 27.07 -8.42
CA ARG A 272 0.20 28.38 -9.09
C ARG A 272 0.02 29.49 -8.05
N GLY A 273 1.13 30.06 -7.55
CA GLY A 273 1.12 31.13 -6.53
C GLY A 273 2.20 30.95 -5.48
N GLU A 274 2.17 29.84 -4.73
CA GLU A 274 3.16 29.51 -3.67
C GLU A 274 4.35 28.82 -4.33
N LYS A 275 5.57 29.30 -4.06
CA LYS A 275 6.82 28.81 -4.73
C LYS A 275 7.56 27.86 -3.79
N ASP A 276 7.01 27.59 -2.60
CA ASP A 276 7.56 26.61 -1.63
C ASP A 276 6.84 25.27 -1.83
N VAL A 277 6.15 25.11 -2.96
CA VAL A 277 5.54 23.83 -3.40
C VAL A 277 6.50 23.18 -4.40
N HIS A 278 6.86 21.92 -4.18
CA HIS A 278 7.72 21.11 -5.06
C HIS A 278 6.95 19.86 -5.48
N LEU A 279 6.41 19.88 -6.70
CA LEU A 279 5.68 18.74 -7.30
C LEU A 279 6.69 17.91 -8.10
N LEU A 280 7.26 16.88 -7.45
CA LEU A 280 8.31 16.00 -8.01
C LEU A 280 7.66 14.81 -8.73
N MET A 281 8.35 14.29 -9.74
CA MET A 281 8.01 13.02 -10.45
C MET A 281 9.28 12.20 -10.57
N LEU A 282 9.39 11.10 -9.84
CA LEU A 282 10.58 10.21 -9.86
C LEU A 282 10.20 8.93 -10.56
N PRO A 283 11.18 8.21 -11.17
CA PRO A 283 10.95 6.85 -11.65
C PRO A 283 10.44 5.99 -10.49
N PRO A 284 9.58 4.98 -10.77
CA PRO A 284 8.91 4.21 -9.71
C PRO A 284 9.83 3.53 -8.67
N ASN A 285 11.06 3.15 -9.05
CA ASN A 285 12.00 2.36 -8.21
CA ASN A 285 11.94 2.36 -8.13
C ASN A 285 13.01 3.29 -7.54
N SER A 286 12.62 4.53 -7.22
CA SER A 286 13.46 5.57 -6.58
C SER A 286 13.38 5.43 -5.05
N HIS A 287 13.63 4.23 -4.53
CA HIS A 287 13.37 3.80 -3.12
C HIS A 287 14.22 4.63 -2.15
N VAL A 288 15.48 4.87 -2.48
CA VAL A 288 16.44 5.61 -1.60
C VAL A 288 16.04 7.09 -1.57
N GLU A 289 15.49 7.62 -2.66
CA GLU A 289 15.01 9.03 -2.76
C GLU A 289 13.77 9.21 -1.87
N VAL A 290 12.83 8.25 -1.91
CA VAL A 290 11.62 8.26 -1.03
C VAL A 290 12.09 8.21 0.43
N ASN A 291 12.99 7.27 0.74
CA ASN A 291 13.61 7.09 2.08
C ASN A 291 14.10 8.46 2.57
N ALA A 292 15.01 9.09 1.80
CA ALA A 292 15.67 10.37 2.11
C ALA A 292 14.63 11.46 2.39
N PHE A 293 13.62 11.59 1.53
CA PHE A 293 12.57 12.62 1.68
C PHE A 293 11.75 12.34 2.95
N GLN A 294 11.38 11.09 3.19
CA GLN A 294 10.62 10.71 4.41
C GLN A 294 11.44 11.05 5.65
N ARG A 295 12.77 10.84 5.62
CA ARG A 295 13.67 11.16 6.77
C ARG A 295 13.82 12.68 6.92
N ALA A 296 13.81 13.44 5.82
CA ALA A 296 13.95 14.92 5.86
C ALA A 296 12.63 15.59 6.28
N ALA A 297 11.49 14.88 6.22
CA ALA A 297 10.16 15.48 6.51
C ALA A 297 10.06 15.86 8.00
N THR A 298 9.32 16.93 8.30
CA THR A 298 8.90 17.31 9.67
C THR A 298 7.56 16.62 9.98
N VAL A 299 6.66 16.66 8.99
CA VAL A 299 5.30 16.06 9.05
C VAL A 299 5.03 15.42 7.69
N VAL A 300 4.44 14.23 7.71
CA VAL A 300 4.06 13.47 6.49
C VAL A 300 2.53 13.48 6.41
N MET A 301 2.01 13.59 5.19
CA MET A 301 0.56 13.50 4.90
C MET A 301 0.34 12.28 4.04
N GLN A 302 -0.80 11.61 4.23
CA GLN A 302 -1.36 10.64 3.28
C GLN A 302 -2.87 10.90 3.30
N LYS A 303 -3.29 11.99 2.66
CA LYS A 303 -4.66 12.56 2.78
C LYS A 303 -5.57 11.90 1.74
N SER A 304 -5.56 10.57 1.69
CA SER A 304 -6.27 9.75 0.69
C SER A 304 -7.79 9.88 0.87
N ILE A 305 -8.54 9.83 -0.24
CA ILE A 305 -10.03 9.75 -0.25
C ILE A 305 -10.44 8.29 0.00
N LYS A 306 -9.78 7.36 -0.70
CA LYS A 306 -9.88 5.89 -0.47
C LYS A 306 -8.48 5.30 -0.37
N GLU A 307 -8.27 4.31 0.49
CA GLU A 307 -6.95 3.67 0.74
C GLU A 307 -7.17 2.29 1.37
N GLY A 308 -6.78 1.23 0.67
CA GLY A 308 -6.78 -0.13 1.22
C GLY A 308 -5.94 -0.19 2.49
N PHE A 309 -4.70 0.34 2.44
CA PHE A 309 -3.79 0.39 3.60
C PHE A 309 -2.96 1.68 3.57
N GLY A 310 -2.09 1.83 2.55
CA GLY A 310 -1.14 2.95 2.43
C GLY A 310 0.16 2.68 3.17
N LEU A 311 1.08 1.99 2.50
CA LEU A 311 2.42 1.62 3.05
C LEU A 311 3.21 2.89 3.39
N THR A 312 2.93 3.99 2.67
CA THR A 312 3.59 5.30 2.87
C THR A 312 3.39 5.78 4.31
N VAL A 313 2.29 5.38 4.94
CA VAL A 313 1.96 5.79 6.33
C VAL A 313 2.94 5.09 7.28
N SER A 314 2.98 3.75 7.26
CA SER A 314 3.86 2.94 8.14
C SER A 314 5.34 3.31 7.88
N GLU A 315 5.71 3.53 6.61
CA GLU A 315 7.06 4.00 6.20
C GLU A 315 7.42 5.28 6.98
N ALA A 316 6.52 6.27 6.99
CA ALA A 316 6.71 7.57 7.67
C ALA A 316 6.74 7.36 9.20
N LEU A 317 5.82 6.57 9.74
CA LEU A 317 5.74 6.32 11.21
C LEU A 317 7.02 5.63 11.69
N TRP A 318 7.54 4.67 10.91
CA TRP A 318 8.77 3.90 11.23
C TRP A 318 9.95 4.85 11.36
N LYS A 319 10.00 5.89 10.51
CA LYS A 319 11.07 6.93 10.54
C LYS A 319 10.74 8.02 11.56
N ARG A 320 9.81 7.75 12.48
CA ARG A 320 9.41 8.67 13.58
C ARG A 320 8.79 9.97 13.04
N LYS A 321 8.07 9.91 11.91
CA LYS A 321 7.32 11.07 11.37
C LYS A 321 5.85 10.94 11.74
N PRO A 322 5.22 11.95 12.38
CA PRO A 322 3.78 11.97 12.57
C PRO A 322 3.07 12.10 11.21
N VAL A 323 1.99 11.35 11.01
CA VAL A 323 1.23 11.37 9.74
C VAL A 323 -0.14 12.01 9.94
N ILE A 324 -0.50 12.89 9.02
CA ILE A 324 -1.89 13.39 8.82
C ILE A 324 -2.48 12.56 7.68
N GLY A 325 -3.47 11.75 8.01
CA GLY A 325 -4.02 10.70 7.13
C GLY A 325 -5.49 10.94 6.87
N GLY A 326 -5.91 10.66 5.64
CA GLY A 326 -7.33 10.57 5.28
C GLY A 326 -8.02 9.59 6.21
N ASN A 327 -9.19 9.97 6.72
CA ASN A 327 -9.97 9.16 7.68
C ASN A 327 -10.77 8.12 6.88
N THR A 328 -10.08 7.12 6.35
CA THR A 328 -10.64 6.11 5.42
C THR A 328 -9.80 4.82 5.47
N GLY A 329 -10.43 3.68 5.19
CA GLY A 329 -9.82 2.35 5.01
C GLY A 329 -8.65 2.09 5.95
N GLY A 330 -7.53 1.61 5.39
CA GLY A 330 -6.40 1.04 6.17
C GLY A 330 -5.57 2.10 6.86
N ILE A 331 -5.79 3.37 6.57
CA ILE A 331 -5.03 4.47 7.22
C ILE A 331 -5.40 4.50 8.70
N ARG A 332 -6.65 4.15 9.03
CA ARG A 332 -7.24 4.26 10.38
C ARG A 332 -6.56 3.31 11.37
N ILE A 333 -6.10 2.12 10.96
CA ILE A 333 -5.39 1.20 11.90
C ILE A 333 -3.92 1.61 12.06
N GLN A 334 -3.39 2.47 11.18
CA GLN A 334 -1.98 2.96 11.30
C GLN A 334 -1.95 4.29 12.06
N VAL A 335 -2.88 5.19 11.75
CA VAL A 335 -2.94 6.55 12.33
C VAL A 335 -3.91 6.52 13.50
N ILE A 336 -3.40 6.41 14.72
CA ILE A 336 -4.20 6.47 15.97
C ILE A 336 -4.32 7.94 16.34
N ASN A 337 -5.52 8.49 16.20
CA ASN A 337 -5.78 9.94 16.28
C ASN A 337 -5.22 10.48 17.60
N GLY A 338 -4.33 11.47 17.53
CA GLY A 338 -3.72 12.12 18.71
C GLY A 338 -2.53 11.34 19.28
N VAL A 339 -2.19 10.17 18.73
CA VAL A 339 -1.15 9.26 19.29
C VAL A 339 -0.01 9.09 18.26
N THR A 340 -0.30 8.58 17.05
CA THR A 340 0.69 8.37 15.96
C THR A 340 0.48 9.38 14.83
N GLY A 341 -0.68 10.04 14.80
CA GLY A 341 -0.98 11.12 13.85
C GLY A 341 -2.36 11.70 14.07
N PHE A 342 -2.98 12.19 12.99
CA PHE A 342 -4.36 12.70 13.02
C PHE A 342 -5.07 12.26 11.75
N LEU A 343 -6.29 11.77 11.92
CA LEU A 343 -7.26 11.44 10.85
C LEU A 343 -8.08 12.69 10.55
N VAL A 344 -8.27 12.99 9.26
CA VAL A 344 -8.95 14.22 8.78
C VAL A 344 -9.92 13.84 7.67
N ASP A 345 -11.03 14.58 7.57
CA ASP A 345 -12.10 14.39 6.56
C ASP A 345 -12.12 15.54 5.56
N SER A 346 -11.23 16.52 5.69
CA SER A 346 -11.19 17.71 4.80
C SER A 346 -9.79 18.31 4.75
N PRO A 347 -9.46 19.03 3.67
CA PRO A 347 -8.26 19.88 3.63
C PRO A 347 -8.15 20.87 4.80
N LYS A 348 -9.29 21.37 5.30
CA LYS A 348 -9.33 22.39 6.38
C LYS A 348 -8.78 21.79 7.69
N ALA A 349 -9.27 20.60 8.10
CA ALA A 349 -8.79 19.90 9.31
C ALA A 349 -7.32 19.48 9.13
N ALA A 350 -6.92 19.08 7.92
CA ALA A 350 -5.52 18.75 7.58
C ALA A 350 -4.63 19.96 7.88
N ALA A 351 -5.02 21.14 7.38
CA ALA A 351 -4.32 22.42 7.60
C ALA A 351 -4.23 22.68 9.11
N TYR A 352 -5.35 22.55 9.83
CA TYR A 352 -5.40 22.73 11.30
C TYR A 352 -4.32 21.88 11.99
N TYR A 353 -4.18 20.61 11.63
CA TYR A 353 -3.26 19.66 12.30
C TYR A 353 -1.83 19.86 11.82
N LEU A 354 -1.62 20.31 10.57
CA LEU A 354 -0.27 20.71 10.10
C LEU A 354 0.27 21.83 11.00
N VAL A 355 -0.54 22.86 11.24
CA VAL A 355 -0.12 24.05 12.04
C VAL A 355 0.18 23.59 13.47
N TYR A 356 -0.72 22.80 14.05
CA TYR A 356 -0.58 22.23 15.42
C TYR A 356 0.79 21.52 15.52
N LEU A 357 1.06 20.58 14.63
CA LEU A 357 2.30 19.75 14.71
C LEU A 357 3.54 20.62 14.45
N LEU A 358 3.52 21.49 13.45
CA LEU A 358 4.69 22.34 13.13
C LEU A 358 4.99 23.28 14.31
N LYS A 359 4.00 23.62 15.13
CA LYS A 359 4.15 24.57 16.27
C LYS A 359 4.39 23.85 17.60
N ASN A 360 4.40 22.52 17.64
CA ASN A 360 4.48 21.73 18.91
C ASN A 360 5.53 20.62 18.75
N LYS A 361 6.81 21.00 18.80
CA LYS A 361 7.99 20.15 18.50
C LYS A 361 7.98 18.90 19.40
N LYS A 362 7.85 19.09 20.72
CA LYS A 362 7.88 17.99 21.70
C LYS A 362 6.78 16.98 21.36
N VAL A 363 5.57 17.45 21.03
CA VAL A 363 4.39 16.60 20.69
C VAL A 363 4.66 15.84 19.38
N ARG A 364 5.22 16.53 18.38
CA ARG A 364 5.68 15.93 17.10
C ARG A 364 6.59 14.73 17.38
N GLU A 365 7.59 14.90 18.24
CA GLU A 365 8.64 13.88 18.50
C GLU A 365 8.03 12.71 19.29
N GLU A 366 7.19 12.98 20.30
CA GLU A 366 6.42 11.93 21.04
C GLU A 366 5.58 11.09 20.07
N MET A 367 4.87 11.74 19.14
CA MET A 367 4.08 11.09 18.06
C MET A 367 4.99 10.22 17.19
N GLY A 368 6.16 10.75 16.84
CA GLY A 368 7.18 10.03 16.07
C GLY A 368 7.57 8.73 16.76
N GLU A 369 7.84 8.80 18.07
CA GLU A 369 8.25 7.60 18.88
C GLU A 369 7.08 6.62 18.91
N ALA A 370 5.88 7.09 19.25
CA ALA A 370 4.65 6.27 19.28
C ALA A 370 4.44 5.61 17.90
N GLY A 371 4.65 6.38 16.82
CA GLY A 371 4.54 5.91 15.43
C GLY A 371 5.42 4.71 15.16
N ARG A 372 6.73 4.83 15.45
CA ARG A 372 7.73 3.75 15.25
C ARG A 372 7.31 2.51 16.06
N ASP A 373 7.04 2.69 17.34
CA ASP A 373 6.64 1.58 18.22
C ASP A 373 5.38 0.89 17.67
N HIS A 374 4.41 1.66 17.17
CA HIS A 374 3.13 1.12 16.63
C HIS A 374 3.40 0.23 15.41
N VAL A 375 4.25 0.70 14.49
CA VAL A 375 4.71 -0.07 13.30
C VAL A 375 5.48 -1.31 13.80
N ARG A 376 6.35 -1.15 14.79
CA ARG A 376 7.21 -2.26 15.31
C ARG A 376 6.27 -3.40 15.74
N ARG A 377 5.17 -3.10 16.42
CA ARG A 377 4.28 -4.13 16.99
C ARG A 377 3.30 -4.65 15.93
N ASN A 378 3.08 -3.96 14.80
CA ASN A 378 1.89 -4.26 13.97
C ASN A 378 2.18 -4.38 12.47
N PHE A 379 3.19 -3.69 11.92
CA PHE A 379 3.30 -3.51 10.45
C PHE A 379 4.73 -3.76 9.95
N LEU A 380 5.50 -4.60 10.63
CA LEU A 380 6.81 -5.07 10.11
C LEU A 380 6.59 -6.39 9.36
N ILE A 381 7.45 -6.67 8.38
CA ILE A 381 7.24 -7.79 7.41
C ILE A 381 7.13 -9.14 8.15
N THR A 382 7.76 -9.30 9.32
CA THR A 382 7.74 -10.57 10.09
C THR A 382 6.31 -10.85 10.57
N GLN A 383 5.56 -9.81 10.94
CA GLN A 383 4.15 -9.91 11.36
C GLN A 383 3.30 -10.41 10.19
N GLN A 384 3.43 -9.81 9.00
CA GLN A 384 2.65 -10.21 7.81
C GLN A 384 3.03 -11.64 7.42
N LEU A 385 4.33 -11.94 7.40
CA LEU A 385 4.84 -13.27 7.03
C LEU A 385 4.22 -14.33 7.96
N ARG A 386 4.22 -14.08 9.27
CA ARG A 386 3.70 -15.06 10.28
C ARG A 386 2.22 -15.32 10.00
N ARG A 387 1.42 -14.26 9.89
CA ARG A 387 -0.05 -14.37 9.69
C ARG A 387 -0.32 -15.05 8.34
N TYR A 388 0.52 -14.79 7.34
CA TYR A 388 0.45 -15.38 5.99
C TYR A 388 0.63 -16.91 6.09
N LEU A 389 1.68 -17.37 6.77
CA LEU A 389 1.96 -18.80 6.99
C LEU A 389 0.79 -19.44 7.77
N MET A 390 0.20 -18.70 8.71
CA MET A 390 -0.93 -19.17 9.56
C MET A 390 -2.17 -19.34 8.69
N ALA A 391 -2.42 -18.43 7.76
CA ALA A 391 -3.56 -18.50 6.81
C ALA A 391 -3.40 -19.73 5.91
N ILE A 392 -2.18 -20.01 5.42
CA ILE A 392 -1.93 -21.13 4.48
C ILE A 392 -2.19 -22.44 5.22
N LEU A 393 -1.66 -22.58 6.44
CA LEU A 393 -1.82 -23.78 7.27
C LEU A 393 -3.30 -24.00 7.54
N TYR A 394 -4.00 -22.96 7.99
CA TYR A 394 -5.45 -22.98 8.29
C TYR A 394 -6.22 -23.46 7.05
N LEU A 395 -5.98 -22.85 5.90
CA LEU A 395 -6.86 -23.01 4.70
C LEU A 395 -6.51 -24.30 3.94
N THR A 396 -5.25 -24.75 3.97
CA THR A 396 -4.82 -26.01 3.32
C THR A 396 -5.39 -27.21 4.10
N LYS A 397 -5.35 -27.16 5.43
CA LYS A 397 -5.80 -28.27 6.32
C LYS A 397 -7.32 -28.47 6.22
N ARG A 398 -8.09 -27.45 5.82
CA ARG A 398 -9.55 -27.61 5.54
C ARG A 398 -9.80 -27.80 4.04
N HIS A 399 -8.74 -28.06 3.25
CA HIS A 399 -8.72 -28.23 1.77
C HIS A 399 -9.13 -26.92 1.09
C1 GLC B . -2.80 -1.26 -3.12
C2 GLC B . -3.70 -0.33 -2.29
C3 GLC B . -2.88 0.33 -1.16
C4 GLC B . -2.03 -0.69 -0.39
C5 GLC B . -1.22 -1.64 -1.31
C6 GLC B . -0.54 -2.76 -0.53
O1 GLC B . -1.89 -0.48 -3.95
O2 GLC B . -4.33 0.60 -3.18
O3 GLC B . -3.76 0.97 -0.21
O4 GLC B . -1.13 -0.03 0.50
O5 GLC B . -2.06 -2.20 -2.32
O6 GLC B . -1.48 -3.64 0.13
C1 GLC B . -1.46 -1.03 -5.10
C2 GLC B . -0.50 -0.12 -5.85
C3 GLC B . -1.28 0.91 -6.67
C4 GLC B . -2.27 0.24 -7.60
C5 GLC B . -3.13 -0.78 -6.86
C6 GLC B . -3.87 -1.62 -7.88
O2 GLC B . 0.39 0.54 -4.95
O3 GLC B . -0.34 1.68 -7.42
O4 GLC B . -3.15 1.22 -8.19
O5 GLC B . -2.36 -1.65 -6.03
O6 GLC B . -4.92 -2.31 -7.20
C1 GOL C . 8.19 -12.36 -12.18
O1 GOL C . 8.28 -11.28 -13.11
C2 GOL C . 8.90 -12.04 -10.89
O2 GOL C . 9.39 -13.25 -10.31
C3 GOL C . 10.04 -11.06 -11.08
O3 GOL C . 10.78 -10.86 -9.89
#